data_2XPX
#
_entry.id   2XPX
#
_cell.length_a   62.387
_cell.length_b   62.387
_cell.length_c   93.729
_cell.angle_alpha   90.00
_cell.angle_beta   90.00
_cell.angle_gamma   120.00
#
_symmetry.space_group_name_H-M   'P 32 2 1'
#
loop_
_entity.id
_entity.type
_entity.pdbx_description
1 polymer 'APOPTOSIS REGULATOR BHRF1'
2 polymer 'BCL-2 HOMOLOGOUS ANTAGONIST/KILLER'
3 non-polymer 'NITRATE ION'
4 non-polymer 1,2-ETHANEDIOL
5 water water
#
loop_
_entity_poly.entity_id
_entity_poly.type
_entity_poly.pdbx_seq_one_letter_code
_entity_poly.pdbx_strand_id
1 'polypeptide(L)'
;MGSHHHHHHSQDPMAYSTREILLALCIRDSRVHGNGTLHPVLELAARETPLRLSPEDTVVLRYHVLLEEIIERNSETFTE
TWNRFITHTEHVDLDFNSVFLEIFHRGDPSLGRALAWMAWCMHACRTLCCNQSTPYYVVDLSVRGMLEASEGLDGWIHQQ
GGWSTLIEDNIPG
;
A
2 'polypeptide(L)' PSSTMGQVGRQLAIIGDDINRRYDSE B
#
loop_
_chem_comp.id
_chem_comp.type
_chem_comp.name
_chem_comp.formula
EDO non-polymer 1,2-ETHANEDIOL 'C2 H6 O2'
NO3 non-polymer 'NITRATE ION' 'N O3 -1'
#
# COMPACT_ATOMS: atom_id res chain seq x y z
N TYR A 16 -15.52 -4.31 -3.94
CA TYR A 16 -14.09 -4.03 -4.30
C TYR A 16 -13.16 -4.96 -3.48
N SER A 17 -12.24 -5.63 -4.17
CA SER A 17 -11.17 -6.38 -3.53
C SER A 17 -10.09 -5.39 -2.98
N THR A 18 -9.22 -5.88 -2.09
CA THR A 18 -8.09 -5.10 -1.60
C THR A 18 -7.16 -4.63 -2.76
N ARG A 19 -6.94 -5.51 -3.70
CA ARG A 19 -6.08 -5.17 -4.81
C ARG A 19 -6.68 -3.95 -5.55
N GLU A 20 -8.00 -3.96 -5.79
CA GLU A 20 -8.68 -2.82 -6.44
C GLU A 20 -8.58 -1.53 -5.64
N ILE A 21 -8.79 -1.61 -4.32
CA ILE A 21 -8.78 -0.39 -3.54
C ILE A 21 -7.33 0.14 -3.44
N LEU A 22 -6.37 -0.75 -3.25
CA LEU A 22 -4.99 -0.32 -3.20
C LEU A 22 -4.58 0.34 -4.52
N LEU A 23 -4.92 -0.29 -5.62
CA LEU A 23 -4.53 0.25 -6.93
C LEU A 23 -5.25 1.59 -7.11
N ALA A 24 -6.54 1.69 -6.78
CA ALA A 24 -7.23 3.01 -6.91
C ALA A 24 -6.60 4.11 -6.04
N LEU A 25 -6.12 3.75 -4.84
CA LEU A 25 -5.45 4.69 -3.91
C LEU A 25 -4.14 5.15 -4.49
N CYS A 26 -3.37 4.22 -5.06
CA CYS A 26 -2.13 4.59 -5.75
C CYS A 26 -2.36 5.50 -6.96
N ILE A 27 -3.37 5.19 -7.77
CA ILE A 27 -3.71 6.06 -8.89
C ILE A 27 -4.09 7.44 -8.40
N ARG A 28 -5.01 7.51 -7.47
CA ARG A 28 -5.42 8.77 -6.89
C ARG A 28 -4.24 9.58 -6.32
N ASP A 29 -3.39 8.92 -5.53
CA ASP A 29 -2.18 9.55 -4.98
C ASP A 29 -1.24 10.08 -6.05
N SER A 30 -1.06 9.33 -7.15
CA SER A 30 -0.29 9.84 -8.30
C SER A 30 -0.90 11.14 -8.89
N ARG A 31 -2.23 11.20 -8.97
CA ARG A 31 -2.87 12.42 -9.50
C ARG A 31 -2.58 13.62 -8.56
N VAL A 32 -2.48 13.39 -7.25
CA VAL A 32 -2.22 14.50 -6.29
C VAL A 32 -0.73 14.95 -6.25
N HIS A 33 0.21 14.04 -6.43
CA HIS A 33 1.60 14.29 -6.15
C HIS A 33 2.42 14.41 -7.41
N GLY A 34 1.91 13.96 -8.54
CA GLY A 34 2.80 13.75 -9.65
C GLY A 34 2.82 14.83 -10.72
N ASN A 35 3.37 14.46 -11.87
CA ASN A 35 3.64 15.47 -12.92
C ASN A 35 2.50 15.58 -13.98
N GLY A 36 1.39 14.85 -13.77
CA GLY A 36 0.30 14.79 -14.75
C GLY A 36 0.31 13.56 -15.68
N THR A 37 1.35 12.74 -15.64
CA THR A 37 1.39 11.51 -16.38
C THR A 37 1.36 10.30 -15.40
N LEU A 38 0.28 9.50 -15.47
CA LEU A 38 0.22 8.30 -14.69
C LEU A 38 1.37 7.40 -15.12
N HIS A 39 2.08 6.83 -14.16
CA HIS A 39 3.13 5.86 -14.54
C HIS A 39 2.56 4.75 -15.44
N PRO A 40 3.29 4.34 -16.50
CA PRO A 40 2.82 3.24 -17.37
C PRO A 40 2.50 1.99 -16.56
N VAL A 41 3.20 1.81 -15.44
CA VAL A 41 2.99 0.59 -14.63
C VAL A 41 1.54 0.59 -14.01
N LEU A 42 1.10 1.78 -13.55
CA LEU A 42 -0.24 1.93 -13.03
C LEU A 42 -1.32 1.78 -14.13
N GLU A 43 -1.04 2.28 -15.33
CA GLU A 43 -1.94 2.06 -16.46
C GLU A 43 -2.07 0.56 -16.72
N LEU A 44 -0.93 -0.10 -16.79
CA LEU A 44 -0.90 -1.55 -17.01
C LEU A 44 -1.66 -2.29 -15.92
N ALA A 45 -1.42 -1.98 -14.64
CA ALA A 45 -2.14 -2.76 -13.59
C ALA A 45 -3.64 -2.48 -13.68
N ALA A 46 -4.04 -1.25 -14.03
CA ALA A 46 -5.48 -0.94 -14.26
C ALA A 46 -6.06 -1.83 -15.38
N ARG A 47 -5.36 -1.93 -16.52
CA ARG A 47 -5.74 -2.79 -17.66
CA ARG A 47 -5.85 -2.78 -17.63
C ARG A 47 -5.89 -4.26 -17.21
N GLU A 48 -4.88 -4.72 -16.44
CA GLU A 48 -4.78 -6.16 -16.09
C GLU A 48 -5.58 -6.65 -14.93
N THR A 49 -6.01 -5.72 -14.07
CA THR A 49 -6.76 -6.06 -12.86
C THR A 49 -8.22 -6.37 -13.16
N PRO A 50 -8.80 -5.70 -14.16
CA PRO A 50 -9.92 -4.85 -14.39
C PRO A 50 -10.21 -3.98 -13.21
N LEU A 51 -9.49 -2.86 -13.10
CA LEU A 51 -9.90 -1.89 -12.07
C LEU A 51 -11.34 -1.38 -12.37
N ARG A 52 -12.28 -1.69 -11.47
CA ARG A 52 -13.64 -1.20 -11.68
C ARG A 52 -13.91 0.04 -10.83
N LEU A 53 -13.09 0.26 -9.80
CA LEU A 53 -13.31 1.32 -8.82
C LEU A 53 -12.61 2.60 -9.30
N SER A 54 -13.35 3.71 -9.33
CA SER A 54 -12.76 5.02 -9.66
C SER A 54 -11.83 5.58 -8.56
N PRO A 55 -10.67 6.13 -8.95
CA PRO A 55 -9.81 6.77 -7.94
C PRO A 55 -10.47 8.01 -7.36
N GLU A 56 -11.54 8.49 -8.01
CA GLU A 56 -12.33 9.62 -7.44
C GLU A 56 -13.59 9.18 -6.66
N ASP A 57 -13.79 7.88 -6.53
CA ASP A 57 -14.85 7.37 -5.70
C ASP A 57 -14.64 7.84 -4.27
N THR A 58 -15.73 8.20 -3.59
CA THR A 58 -15.62 8.76 -2.24
C THR A 58 -14.95 7.83 -1.19
N VAL A 59 -15.13 6.51 -1.29
CA VAL A 59 -14.44 5.58 -0.39
C VAL A 59 -12.87 5.61 -0.58
N VAL A 60 -12.43 5.87 -1.82
CA VAL A 60 -11.02 6.02 -2.15
C VAL A 60 -10.51 7.38 -1.63
N LEU A 61 -11.29 8.45 -1.77
CA LEU A 61 -10.84 9.72 -1.23
C LEU A 61 -10.73 9.65 0.29
N ARG A 62 -11.68 8.95 0.93
CA ARG A 62 -11.66 8.83 2.39
C ARG A 62 -10.52 7.97 2.88
N TYR A 63 -10.29 6.83 2.23
CA TYR A 63 -9.09 6.07 2.58
C TYR A 63 -7.81 6.83 2.30
N HIS A 64 -7.78 7.58 1.22
CA HIS A 64 -6.57 8.34 0.90
C HIS A 64 -6.22 9.35 2.01
N VAL A 65 -7.22 10.07 2.53
CA VAL A 65 -7.00 10.87 3.77
C VAL A 65 -6.40 10.09 4.94
N LEU A 66 -6.97 8.93 5.28
CA LEU A 66 -6.50 8.15 6.43
C LEU A 66 -5.10 7.66 6.20
N LEU A 67 -4.81 7.21 4.99
CA LEU A 67 -3.47 6.67 4.71
C LEU A 67 -2.46 7.81 4.69
N GLU A 68 -2.82 8.96 4.12
CA GLU A 68 -1.95 10.16 4.19
C GLU A 68 -1.62 10.59 5.61
N GLU A 69 -2.61 10.60 6.52
CA GLU A 69 -2.31 10.89 7.93
C GLU A 69 -1.30 9.90 8.54
N ILE A 70 -1.47 8.61 8.23
CA ILE A 70 -0.51 7.61 8.74
C ILE A 70 0.90 7.86 8.19
N ILE A 71 1.02 8.07 6.88
CA ILE A 71 2.30 8.44 6.27
C ILE A 71 2.94 9.66 6.99
N GLU A 72 2.17 10.75 7.16
CA GLU A 72 2.71 11.99 7.75
C GLU A 72 3.23 11.70 9.15
N ARG A 73 2.48 10.87 9.88
CA ARG A 73 2.79 10.54 11.27
C ARG A 73 3.96 9.58 11.38
N ASN A 74 4.22 8.81 10.30
CA ASN A 74 5.31 7.84 10.27
C ASN A 74 6.32 8.11 9.18
N SER A 75 6.48 9.39 8.85
CA SER A 75 7.14 9.75 7.57
C SER A 75 8.60 9.21 7.48
N GLU A 76 9.39 9.48 8.52
CA GLU A 76 10.76 8.98 8.55
C GLU A 76 10.84 7.43 8.57
N THR A 77 10.05 6.78 9.40
CA THR A 77 10.14 5.33 9.50
C THR A 77 9.72 4.69 8.11
N PHE A 78 8.69 5.28 7.48
CA PHE A 78 8.29 4.84 6.11
C PHE A 78 9.40 5.00 5.09
N THR A 79 10.10 6.14 5.13
CA THR A 79 11.25 6.38 4.25
C THR A 79 12.39 5.40 4.49
N GLU A 80 12.79 5.20 5.77
CA GLU A 80 13.88 4.28 6.11
C GLU A 80 13.53 2.84 5.77
N THR A 81 12.36 2.39 6.16
CA THR A 81 11.98 0.98 5.85
C THR A 81 11.93 0.74 4.33
N TRP A 82 11.33 1.70 3.58
CA TRP A 82 11.26 1.59 2.10
C TRP A 82 12.71 1.56 1.53
N ASN A 83 13.54 2.52 1.93
CA ASN A 83 14.93 2.56 1.51
C ASN A 83 15.70 1.27 1.83
N ARG A 84 15.60 0.71 3.02
CA ARG A 84 16.32 -0.56 3.22
C ARG A 84 15.75 -1.73 2.42
N PHE A 85 14.42 -1.81 2.35
CA PHE A 85 13.74 -2.87 1.56
C PHE A 85 14.30 -2.85 0.11
N ILE A 86 14.25 -1.68 -0.51
CA ILE A 86 14.40 -1.55 -1.93
C ILE A 86 15.88 -1.68 -2.29
N THR A 87 16.77 -1.29 -1.38
CA THR A 87 18.20 -1.41 -1.61
C THR A 87 18.74 -2.78 -1.28
N HIS A 88 17.98 -3.59 -0.55
CA HIS A 88 18.44 -4.90 -0.20
C HIS A 88 17.74 -6.06 -0.97
N THR A 89 16.65 -5.79 -1.68
CA THR A 89 15.94 -6.87 -2.40
C THR A 89 16.63 -7.22 -3.71
N GLU A 90 16.73 -8.53 -3.96
CA GLU A 90 17.09 -9.03 -5.32
C GLU A 90 15.88 -9.53 -6.17
N HIS A 91 14.71 -9.51 -5.56
CA HIS A 91 13.49 -10.00 -6.19
CA HIS A 91 13.49 -10.09 -6.11
C HIS A 91 12.32 -9.30 -5.53
N VAL A 92 12.09 -8.09 -6.04
CA VAL A 92 11.19 -7.18 -5.40
C VAL A 92 9.79 -7.76 -5.12
N ASP A 93 9.19 -8.37 -6.13
CA ASP A 93 7.79 -8.82 -6.00
C ASP A 93 7.72 -9.96 -4.97
N LEU A 94 8.65 -10.90 -4.99
CA LEU A 94 8.69 -11.95 -3.96
C LEU A 94 8.85 -11.36 -2.52
N ASP A 95 9.72 -10.39 -2.37
CA ASP A 95 9.97 -9.83 -1.03
C ASP A 95 8.76 -9.03 -0.47
N PHE A 96 7.98 -8.38 -1.35
CA PHE A 96 6.69 -7.77 -0.92
C PHE A 96 5.82 -8.83 -0.24
N ASN A 97 5.67 -10.00 -0.89
CA ASN A 97 4.92 -11.10 -0.30
C ASN A 97 5.51 -11.58 1.03
N SER A 98 6.84 -11.65 1.13
CA SER A 98 7.49 -11.91 2.47
C SER A 98 7.23 -10.91 3.59
N VAL A 99 7.36 -9.60 3.34
CA VAL A 99 6.99 -8.70 4.41
C VAL A 99 5.49 -8.75 4.79
N PHE A 100 4.63 -8.95 3.78
CA PHE A 100 3.21 -9.12 4.07
C PHE A 100 2.94 -10.27 5.10
N LEU A 101 3.57 -11.43 4.89
CA LEU A 101 3.47 -12.56 5.81
C LEU A 101 3.93 -12.28 7.20
N GLU A 102 5.08 -11.61 7.32
CA GLU A 102 5.65 -11.12 8.58
C GLU A 102 4.68 -10.30 9.41
N ILE A 103 3.89 -9.46 8.74
CA ILE A 103 2.88 -8.63 9.40
C ILE A 103 1.59 -9.40 9.70
N PHE A 104 1.15 -10.22 8.75
CA PHE A 104 -0.17 -10.85 8.84
C PHE A 104 -0.28 -12.33 9.20
N HIS A 105 0.84 -13.01 9.46
CA HIS A 105 0.86 -14.23 10.31
C HIS A 105 -0.47 -15.01 10.55
N ARG A 106 -1.32 -14.39 11.38
CA ARG A 106 -2.47 -15.04 12.04
C ARG A 106 -3.76 -14.98 11.21
N PRO A 109 -5.82 -10.36 12.85
CA PRO A 109 -5.52 -9.36 11.84
C PRO A 109 -6.15 -7.98 12.18
N SER A 110 -5.34 -7.09 12.74
CA SER A 110 -5.84 -5.84 13.32
C SER A 110 -6.12 -4.75 12.22
N LEU A 111 -7.10 -3.88 12.45
CA LEU A 111 -7.34 -2.75 11.55
C LEU A 111 -6.10 -1.81 11.34
N GLY A 112 -5.37 -1.58 12.42
CA GLY A 112 -4.17 -0.74 12.42
C GLY A 112 -3.08 -1.33 11.54
N ARG A 113 -2.93 -2.66 11.62
CA ARG A 113 -1.95 -3.37 10.84
C ARG A 113 -2.29 -3.36 9.38
N ALA A 114 -3.57 -3.54 9.08
CA ALA A 114 -4.03 -3.47 7.70
C ALA A 114 -3.71 -2.09 7.07
N LEU A 115 -4.00 -1.01 7.80
CA LEU A 115 -3.81 0.32 7.32
C LEU A 115 -2.33 0.66 7.26
N ALA A 116 -1.54 0.23 8.25
CA ALA A 116 -0.09 0.45 8.22
C ALA A 116 0.48 -0.16 6.92
N TRP A 117 0.05 -1.37 6.57
CA TRP A 117 0.53 -2.00 5.36
C TRP A 117 0.03 -1.21 4.13
N MET A 118 -1.24 -0.80 4.12
CA MET A 118 -1.75 -0.11 2.91
C MET A 118 -1.07 1.24 2.75
N ALA A 119 -0.84 1.92 3.86
CA ALA A 119 -0.14 3.25 3.78
C ALA A 119 1.30 3.07 3.34
N TRP A 120 1.94 1.99 3.81
CA TRP A 120 3.33 1.74 3.42
C TRP A 120 3.44 1.47 1.93
N CYS A 121 2.51 0.68 1.39
CA CYS A 121 2.46 0.45 -0.06
C CYS A 121 2.18 1.68 -0.87
N MET A 122 1.15 2.43 -0.49
CA MET A 122 0.89 3.68 -1.19
C MET A 122 2.12 4.61 -1.12
N HIS A 123 2.77 4.67 0.03
CA HIS A 123 3.97 5.52 0.18
C HIS A 123 5.13 5.06 -0.75
N ALA A 124 5.29 3.73 -0.85
CA ALA A 124 6.32 3.14 -1.71
C ALA A 124 6.01 3.48 -3.18
N CYS A 125 4.75 3.28 -3.59
CA CYS A 125 4.35 3.65 -4.95
C CYS A 125 4.61 5.13 -5.27
N ARG A 126 4.23 6.02 -4.34
CA ARG A 126 4.49 7.44 -4.53
C ARG A 126 6.00 7.73 -4.74
N THR A 127 6.83 7.15 -3.90
CA THR A 127 8.30 7.31 -3.99
C THR A 127 8.87 6.82 -5.32
N LEU A 128 8.48 5.63 -5.72
CA LEU A 128 8.88 5.04 -7.03
C LEU A 128 8.41 5.89 -8.21
N CYS A 129 7.16 6.37 -8.19
CA CYS A 129 6.58 7.04 -9.35
C CYS A 129 6.99 8.54 -9.51
N CYS A 130 7.48 9.18 -8.43
CA CYS A 130 7.94 10.59 -8.51
CA CYS A 130 7.96 10.59 -8.43
C CYS A 130 9.42 10.69 -8.79
N ASN A 131 10.16 9.59 -8.66
CA ASN A 131 11.56 9.59 -8.99
C ASN A 131 11.75 9.18 -10.45
N GLN A 132 11.90 10.18 -11.34
CA GLN A 132 12.08 9.91 -12.79
C GLN A 132 13.32 9.05 -13.10
N SER A 133 14.29 8.96 -12.18
CA SER A 133 15.43 8.04 -12.37
C SER A 133 15.15 6.51 -12.04
N THR A 134 13.99 6.22 -11.46
CA THR A 134 13.72 4.84 -11.09
C THR A 134 13.56 3.96 -12.33
N PRO A 135 14.32 2.86 -12.41
CA PRO A 135 14.11 1.95 -13.59
C PRO A 135 12.68 1.39 -13.60
N TYR A 136 12.14 1.30 -14.81
CA TYR A 136 10.82 0.75 -15.08
C TYR A 136 10.57 -0.56 -14.33
N TYR A 137 11.51 -1.51 -14.44
CA TYR A 137 11.31 -2.84 -13.82
C TYR A 137 11.15 -2.79 -12.32
N VAL A 138 11.80 -1.83 -11.68
CA VAL A 138 11.62 -1.66 -10.26
C VAL A 138 10.23 -1.15 -9.91
N VAL A 139 9.80 -0.11 -10.60
CA VAL A 139 8.42 0.33 -10.41
C VAL A 139 7.41 -0.80 -10.68
N ASP A 140 7.61 -1.50 -11.82
CA ASP A 140 6.71 -2.55 -12.28
C ASP A 140 6.57 -3.69 -11.23
N LEU A 141 7.71 -4.32 -10.87
CA LEU A 141 7.71 -5.44 -9.90
C LEU A 141 7.19 -5.00 -8.51
N SER A 142 7.46 -3.78 -8.12
CA SER A 142 6.96 -3.28 -6.81
C SER A 142 5.46 -3.15 -6.78
N VAL A 143 4.90 -2.58 -7.85
CA VAL A 143 3.46 -2.35 -7.89
C VAL A 143 2.80 -3.75 -8.03
N ARG A 144 3.37 -4.62 -8.85
CA ARG A 144 2.80 -5.96 -8.92
C ARG A 144 2.90 -6.66 -7.57
N GLY A 145 4.08 -6.59 -6.92
CA GLY A 145 4.28 -7.25 -5.62
C GLY A 145 3.31 -6.77 -4.54
N MET A 146 3.18 -5.47 -4.39
CA MET A 146 2.24 -4.93 -3.38
C MET A 146 0.79 -5.31 -3.68
N LEU A 147 0.39 -5.28 -4.96
CA LEU A 147 -1.01 -5.61 -5.30
C LEU A 147 -1.33 -7.07 -5.02
N GLU A 148 -0.40 -7.97 -5.38
CA GLU A 148 -0.56 -9.41 -5.20
C GLU A 148 -0.51 -9.78 -3.72
N ALA A 149 0.46 -9.25 -2.96
CA ALA A 149 0.56 -9.51 -1.51
C ALA A 149 -0.74 -9.09 -0.78
N SER A 150 -1.31 -7.96 -1.20
CA SER A 150 -2.45 -7.32 -0.55
C SER A 150 -3.73 -8.16 -0.62
N GLU A 151 -3.80 -9.04 -1.60
CA GLU A 151 -4.89 -9.95 -1.76
C GLU A 151 -5.08 -10.82 -0.50
N GLY A 152 -4.01 -11.10 0.24
CA GLY A 152 -4.06 -11.81 1.52
C GLY A 152 -4.98 -11.15 2.57
N LEU A 153 -5.38 -9.91 2.35
CA LEU A 153 -6.30 -9.21 3.27
C LEU A 153 -7.78 -9.42 2.94
N ASP A 154 -8.08 -10.07 1.82
CA ASP A 154 -9.48 -10.16 1.34
C ASP A 154 -10.42 -10.95 2.23
N GLY A 155 -9.92 -12.05 2.77
CA GLY A 155 -10.66 -12.91 3.69
C GLY A 155 -11.05 -12.13 4.92
N TRP A 156 -10.11 -11.42 5.52
CA TRP A 156 -10.36 -10.65 6.72
C TRP A 156 -11.31 -9.47 6.47
N ILE A 157 -11.01 -8.63 5.48
CA ILE A 157 -11.90 -7.53 5.18
C ILE A 157 -13.32 -7.97 4.82
N HIS A 158 -13.45 -9.10 4.13
CA HIS A 158 -14.77 -9.66 3.83
C HIS A 158 -15.62 -9.93 5.12
N GLN A 159 -14.99 -10.55 6.13
CA GLN A 159 -15.59 -10.77 7.47
C GLN A 159 -15.95 -9.46 8.20
N GLN A 160 -15.38 -8.34 7.74
CA GLN A 160 -15.78 -6.99 8.23
C GLN A 160 -16.81 -6.33 7.31
N GLY A 161 -17.31 -7.07 6.33
CA GLY A 161 -18.27 -6.50 5.41
C GLY A 161 -17.71 -5.56 4.37
N GLY A 162 -16.39 -5.58 4.13
CA GLY A 162 -15.82 -4.76 3.04
C GLY A 162 -15.16 -3.44 3.45
N TRP A 163 -14.31 -2.89 2.55
CA TRP A 163 -13.64 -1.62 2.79
C TRP A 163 -14.59 -0.43 2.94
N SER A 164 -15.66 -0.41 2.13
CA SER A 164 -16.61 0.69 2.17
C SER A 164 -17.27 0.71 3.54
N THR A 165 -17.66 -0.47 4.01
CA THR A 165 -18.32 -0.57 5.30
C THR A 165 -17.40 -0.18 6.45
N LEU A 166 -16.15 -0.62 6.39
CA LEU A 166 -15.13 -0.25 7.38
C LEU A 166 -14.95 1.27 7.52
N ILE A 167 -14.99 2.01 6.41
CA ILE A 167 -14.80 3.45 6.50
C ILE A 167 -16.07 4.28 6.79
N GLU A 168 -17.17 4.01 6.06
CA GLU A 168 -18.46 4.73 6.16
C GLU A 168 -19.06 4.66 7.57
N ASP A 169 -18.46 3.79 8.37
CA ASP A 169 -19.13 3.02 9.38
C ASP A 169 -18.08 2.66 10.44
N ASN A 170 -18.45 1.87 11.43
CA ASN A 170 -17.46 1.21 12.31
C ASN A 170 -16.38 2.14 12.88
N SER B 3 17.75 -10.93 7.06
CA SER B 3 16.35 -10.51 7.39
C SER B 3 16.19 -9.01 7.46
N THR B 4 16.37 -8.32 6.33
CA THR B 4 15.88 -6.94 6.32
C THR B 4 14.35 -7.01 6.23
N MET B 5 13.83 -8.05 5.53
CA MET B 5 12.37 -8.28 5.40
C MET B 5 11.69 -8.53 6.77
N GLY B 6 12.39 -9.28 7.64
CA GLY B 6 12.01 -9.48 9.04
C GLY B 6 11.84 -8.16 9.76
N GLN B 7 12.83 -7.29 9.61
CA GLN B 7 12.88 -6.04 10.35
C GLN B 7 11.88 -5.01 9.85
N VAL B 8 11.67 -4.96 8.53
CA VAL B 8 10.71 -4.08 7.93
C VAL B 8 9.34 -4.49 8.43
N GLY B 9 9.07 -5.81 8.37
CA GLY B 9 7.85 -6.41 8.88
C GLY B 9 7.55 -5.99 10.31
N ARG B 10 8.56 -5.99 11.16
CA ARG B 10 8.34 -5.76 12.59
C ARG B 10 8.09 -4.29 12.88
N GLN B 11 8.84 -3.47 12.16
CA GLN B 11 8.68 -2.05 12.22
C GLN B 11 7.25 -1.65 11.79
N LEU B 12 6.72 -2.31 10.77
CA LEU B 12 5.36 -1.98 10.27
C LEU B 12 4.29 -2.48 11.22
N ALA B 13 4.56 -3.63 11.81
CA ALA B 13 3.72 -4.19 12.83
C ALA B 13 3.60 -3.26 14.05
N ILE B 14 4.72 -2.70 14.48
CA ILE B 14 4.72 -1.74 15.60
C ILE B 14 3.79 -0.56 15.26
N ILE B 15 3.94 -0.05 14.04
CA ILE B 15 3.14 1.08 13.60
C ILE B 15 1.66 0.67 13.58
N GLY B 16 1.33 -0.50 13.02
CA GLY B 16 -0.04 -1.04 13.10
C GLY B 16 -0.61 -0.98 14.52
N ASP B 17 0.18 -1.39 15.51
CA ASP B 17 -0.27 -1.36 16.90
C ASP B 17 -0.50 0.07 17.35
N ASP B 18 0.41 1.00 16.98
CA ASP B 18 0.27 2.43 17.34
C ASP B 18 -1.01 3.02 16.78
N ILE B 19 -1.35 2.66 15.52
CA ILE B 19 -2.55 3.15 14.83
C ILE B 19 -3.84 2.74 15.63
N ASN B 20 -3.93 1.47 16.01
CA ASN B 20 -5.05 1.00 16.81
C ASN B 20 -5.32 1.84 18.07
N ARG B 21 -4.27 2.10 18.82
CA ARG B 21 -4.40 2.88 20.06
C ARG B 21 -4.79 4.30 19.70
N ARG B 22 -4.18 4.80 18.62
CA ARG B 22 -4.44 6.15 18.14
C ARG B 22 -5.93 6.32 17.84
N TYR B 23 -6.50 5.42 17.06
CA TYR B 23 -7.95 5.41 16.75
C TYR B 23 -8.88 5.24 17.96
N ASP B 24 -8.41 4.59 19.02
CA ASP B 24 -9.16 4.49 20.28
C ASP B 24 -9.30 5.81 21.07
N SER B 25 -8.66 6.87 20.57
CA SER B 25 -8.74 8.21 21.15
C SER B 25 -9.04 9.24 20.02
N NO3 C . 0.12 11.89 -12.38
O1 NO3 C . -0.07 10.51 -12.30
O2 NO3 C . 1.37 12.37 -11.93
O3 NO3 C . -0.89 12.72 -12.90
N NO3 D . -0.29 6.56 13.01
O1 NO3 D . -1.44 6.64 12.26
O2 NO3 D . -0.19 5.94 14.24
O3 NO3 D . 0.76 7.20 12.43
N NO3 E . -8.31 11.42 -10.06
O1 NO3 E . -9.32 10.89 -10.90
O2 NO3 E . -7.91 10.71 -8.95
O3 NO3 E . -7.69 12.66 -10.29
N NO3 F . 3.45 10.16 -7.54
O1 NO3 F . 3.32 10.40 -8.92
O2 NO3 F . 4.69 10.50 -7.10
O3 NO3 F . 2.45 9.59 -6.64
C1 EDO G . 9.93 4.73 -16.62
O1 EDO G . 8.89 4.25 -17.54
C2 EDO G . 9.97 3.91 -15.32
O2 EDO G . 10.22 4.66 -14.09
C1 EDO H . 12.99 -3.06 -18.85
O1 EDO H . 11.96 -4.00 -19.31
C2 EDO H . 12.96 -2.84 -17.33
O2 EDO H . 13.56 -1.58 -16.88
#